data_4R2Y
#
_entry.id   4R2Y
#
_cell.length_a   52.446
_cell.length_b   39.876
_cell.length_c   65.038
_cell.angle_alpha   90.00
_cell.angle_beta   108.49
_cell.angle_gamma   90.00
#
_symmetry.space_group_name_H-M   'P 1 2 1'
#
loop_
_entity.id
_entity.type
_entity.pdbx_description
1 polymer 'Anaphase-promoting complex subunit 11'
2 non-polymer 'ZINC ION'
3 water water
#
_entity_poly.entity_id   1
_entity_poly.type   'polypeptide(L)'
_entity_poly.pdbx_seq_one_letter_code
;VANDENCGICRMAFNGCCPDCKVPGDDCPLVWGQCSHCFHMHCILKWLHAQQVQQHCPMCRQEWKFKE
;
_entity_poly.pdbx_strand_id   A,B,C,D
#
loop_
_chem_comp.id
_chem_comp.type
_chem_comp.name
_chem_comp.formula
ZN non-polymer 'ZINC ION' 'Zn 2'
#
# COMPACT_ATOMS: atom_id res chain seq x y z
N GLU A 5 25.91 15.42 12.90
CA GLU A 5 25.17 14.99 11.73
C GLU A 5 23.84 15.73 11.65
N ASN A 6 23.21 15.68 10.49
CA ASN A 6 22.04 16.52 10.20
C ASN A 6 20.80 15.70 9.83
N CYS A 7 19.64 16.21 10.23
CA CYS A 7 18.35 15.67 9.79
C CYS A 7 18.30 15.57 8.27
N GLY A 8 17.85 14.44 7.75
CA GLY A 8 17.80 14.22 6.31
C GLY A 8 16.80 15.09 5.55
N ILE A 9 15.83 15.66 6.25
CA ILE A 9 14.81 16.46 5.60
C ILE A 9 15.22 17.94 5.56
N CYS A 10 15.49 18.51 6.72
CA CYS A 10 15.73 19.95 6.86
C CYS A 10 17.22 20.30 6.84
N ARG A 11 18.05 19.27 6.95
CA ARG A 11 19.50 19.42 6.88
C ARG A 11 20.08 20.34 7.97
N MET A 12 19.37 20.44 9.07
CA MET A 12 19.87 21.14 10.24
C MET A 12 20.42 20.10 11.22
N ALA A 13 21.31 20.53 12.11
CA ALA A 13 21.89 19.61 13.10
C ALA A 13 20.85 18.83 13.94
N PHE A 14 21.11 17.54 14.16
CA PHE A 14 20.30 16.73 15.08
C PHE A 14 20.35 17.27 16.49
N ASN A 15 21.49 17.83 16.87
CA ASN A 15 21.70 18.26 18.24
C ASN A 15 20.96 19.55 18.52
N GLY A 16 20.35 20.12 17.47
CA GLY A 16 19.54 21.31 17.64
C GLY A 16 18.16 21.07 17.06
N CYS A 17 17.36 22.14 16.98
CA CYS A 17 15.98 21.98 16.54
C CYS A 17 15.79 22.15 15.04
N CYS A 18 14.61 21.80 14.55
CA CYS A 18 14.20 21.99 13.16
C CYS A 18 13.90 23.47 12.94
N PRO A 19 13.65 23.87 11.67
CA PRO A 19 13.45 25.30 11.38
C PRO A 19 12.23 25.90 12.09
N ASP A 20 11.20 25.10 12.35
CA ASP A 20 10.00 25.66 12.99
C ASP A 20 10.28 26.11 14.41
N CYS A 21 11.28 25.51 15.02
CA CYS A 21 11.43 25.55 16.46
C CYS A 21 12.50 26.53 16.90
N LYS A 22 13.25 27.06 15.93
CA LYS A 22 14.42 27.90 16.22
C LYS A 22 14.03 29.20 16.88
N VAL A 23 13.09 29.90 16.26
CA VAL A 23 12.66 31.17 16.80
C VAL A 23 12.17 31.05 18.24
N PRO A 24 11.13 30.28 18.46
CA PRO A 24 10.39 30.33 19.72
C PRO A 24 10.85 29.23 20.63
N GLY A 25 11.95 28.63 20.25
CA GLY A 25 12.47 27.57 21.08
C GLY A 25 11.46 26.58 21.66
N ASP A 26 10.75 25.84 20.80
CA ASP A 26 9.91 24.75 21.29
C ASP A 26 10.76 23.48 21.38
N ASP A 27 10.33 22.54 22.21
CA ASP A 27 10.90 21.18 22.21
C ASP A 27 10.80 20.65 20.80
N CYS A 28 11.83 19.93 20.37
CA CYS A 28 11.88 19.43 19.00
C CYS A 28 12.55 18.05 19.04
N PRO A 29 11.81 17.02 19.41
CA PRO A 29 12.41 15.71 19.64
C PRO A 29 12.82 15.01 18.35
N LEU A 30 13.69 14.01 18.48
CA LEU A 30 14.14 13.21 17.35
C LEU A 30 13.41 11.88 17.28
N VAL A 31 13.37 11.31 16.08
CA VAL A 31 12.78 9.97 15.90
C VAL A 31 13.66 9.13 15.00
N TRP A 32 13.57 7.82 15.15
CA TRP A 32 14.44 6.92 14.41
C TRP A 32 13.61 5.91 13.65
N GLY A 33 14.12 5.53 12.48
CA GLY A 33 13.47 4.50 11.69
C GLY A 33 14.22 3.18 11.77
N GLN A 34 13.55 2.08 11.43
CA GLN A 34 14.17 0.76 11.43
C GLN A 34 15.32 0.71 10.41
N CYS A 35 15.25 1.59 9.42
CA CYS A 35 16.30 1.72 8.42
C CYS A 35 17.52 2.44 8.97
N SER A 36 17.40 2.95 10.20
CA SER A 36 18.54 3.59 10.86
C SER A 36 18.68 5.08 10.60
N HIS A 37 17.69 5.69 9.95
CA HIS A 37 17.81 7.13 9.70
C HIS A 37 17.07 7.89 10.78
N CYS A 38 17.62 9.03 11.15
CA CYS A 38 17.06 9.82 12.23
C CYS A 38 16.53 11.13 11.63
N PHE A 39 15.43 11.65 12.18
CA PHE A 39 14.88 12.93 11.73
C PHE A 39 14.34 13.67 12.93
N HIS A 40 14.22 14.99 12.84
CA HIS A 40 13.35 15.68 13.78
C HIS A 40 11.94 15.16 13.56
N MET A 41 11.24 14.87 14.66
CA MET A 41 9.85 14.49 14.61
CA MET A 41 9.83 14.50 14.63
C MET A 41 9.01 15.44 13.75
N HIS A 42 9.21 16.75 13.93
CA HIS A 42 8.45 17.74 13.15
C HIS A 42 8.66 17.57 11.66
N CYS A 43 9.90 17.25 11.27
CA CYS A 43 10.22 17.06 9.86
C CYS A 43 9.59 15.79 9.30
N ILE A 44 9.75 14.64 9.97
CA ILE A 44 9.20 13.40 9.45
C ILE A 44 7.68 13.49 9.48
N LEU A 45 7.13 14.22 10.44
CA LEU A 45 5.68 14.45 10.44
C LEU A 45 5.17 15.13 9.16
N LYS A 46 5.85 16.18 8.70
CA LYS A 46 5.48 16.85 7.45
C LYS A 46 5.58 15.89 6.28
N TRP A 47 6.62 15.07 6.29
CA TRP A 47 6.81 14.06 5.26
C TRP A 47 5.63 13.07 5.23
N LEU A 48 5.33 12.47 6.38
CA LEU A 48 4.33 11.42 6.45
C LEU A 48 2.96 11.96 6.15
N HIS A 49 2.72 13.21 6.54
CA HIS A 49 1.42 13.81 6.28
C HIS A 49 1.23 14.03 4.78
N ALA A 50 2.29 14.45 4.12
CA ALA A 50 2.19 14.75 2.69
C ALA A 50 2.08 13.46 1.88
N GLN A 51 2.79 12.43 2.30
CA GLN A 51 2.81 11.17 1.52
C GLN A 51 1.59 10.28 1.73
N GLN A 52 0.91 10.44 2.86
CA GLN A 52 -0.23 9.57 3.21
C GLN A 52 -1.46 10.03 2.45
N VAL A 53 -2.35 9.09 2.11
CA VAL A 53 -3.62 9.45 1.48
C VAL A 53 -4.46 10.22 2.47
N GLN A 54 -5.29 11.14 1.98
CA GLN A 54 -6.25 11.76 2.88
C GLN A 54 -7.46 10.82 2.93
N GLN A 55 -7.70 10.21 4.08
CA GLN A 55 -8.77 9.20 4.14
C GLN A 55 -10.11 9.89 4.11
N HIS A 56 -11.11 9.17 3.63
CA HIS A 56 -12.46 9.64 3.69
C HIS A 56 -13.22 8.86 4.76
N CYS A 57 -14.39 9.35 5.12
CA CYS A 57 -15.24 8.67 6.08
C CYS A 57 -15.68 7.32 5.50
N PRO A 58 -15.79 6.28 6.34
CA PRO A 58 -16.22 4.99 5.82
C PRO A 58 -17.60 5.04 5.16
N MET A 59 -18.43 6.00 5.55
CA MET A 59 -19.86 5.99 5.21
C MET A 59 -20.29 7.16 4.33
N CYS A 60 -19.39 8.08 4.05
CA CYS A 60 -19.67 9.20 3.15
C CYS A 60 -18.42 9.66 2.43
N ARG A 61 -18.54 10.65 1.54
CA ARG A 61 -17.40 11.03 0.74
C ARG A 61 -16.46 12.02 1.41
N GLN A 62 -16.90 12.59 2.53
CA GLN A 62 -16.12 13.65 3.17
C GLN A 62 -14.79 13.13 3.71
N GLU A 63 -13.78 13.98 3.71
CA GLU A 63 -12.52 13.66 4.36
C GLU A 63 -12.83 13.31 5.80
N TRP A 64 -12.09 12.34 6.32
CA TRP A 64 -12.30 11.95 7.71
C TRP A 64 -11.57 12.92 8.60
N LYS A 65 -12.33 13.56 9.48
CA LYS A 65 -11.76 14.40 10.54
C LYS A 65 -12.47 14.08 11.85
N PHE A 66 -11.71 13.95 12.93
CA PHE A 66 -12.34 13.62 14.20
C PHE A 66 -13.07 14.85 14.71
N LYS A 67 -14.27 14.63 15.21
CA LYS A 67 -15.00 15.71 15.88
C LYS A 67 -14.36 15.93 17.24
N GLU A 68 -14.00 17.18 17.54
CA GLU A 68 -13.39 17.49 18.82
C GLU A 68 -14.37 18.14 19.79
N GLU B 5 -28.30 3.13 16.99
CA GLU B 5 -28.24 2.39 15.75
C GLU B 5 -26.96 1.55 15.72
N ASN B 6 -26.48 1.21 14.51
CA ASN B 6 -25.25 0.43 14.38
C ASN B 6 -24.06 1.16 13.76
N CYS B 7 -22.87 0.85 14.27
CA CYS B 7 -21.59 1.24 13.66
C CYS B 7 -21.50 0.71 12.24
N GLY B 8 -21.23 1.60 11.30
CA GLY B 8 -21.21 1.27 9.89
C GLY B 8 -20.11 0.32 9.50
N ILE B 9 -19.05 0.23 10.30
CA ILE B 9 -17.96 -0.68 10.01
C ILE B 9 -18.22 -2.13 10.43
N CYS B 10 -18.53 -2.34 11.71
CA CYS B 10 -18.64 -3.70 12.24
C CYS B 10 -20.09 -4.20 12.28
N ARG B 11 -21.03 -3.30 12.00
CA ARG B 11 -22.47 -3.64 12.01
C ARG B 11 -23.03 -3.99 13.40
N MET B 12 -22.28 -3.67 14.45
CA MET B 12 -22.74 -3.91 15.83
C MET B 12 -23.30 -2.61 16.42
N ALA B 13 -24.18 -2.74 17.41
CA ALA B 13 -24.82 -1.58 18.04
C ALA B 13 -23.85 -0.57 18.67
N PHE B 14 -24.20 0.72 18.57
CA PHE B 14 -23.46 1.79 19.23
C PHE B 14 -23.49 1.62 20.74
N ASN B 15 -24.59 1.06 21.26
CA ASN B 15 -24.71 0.91 22.72
C ASN B 15 -23.90 -0.26 23.29
N GLY B 16 -23.13 -0.93 22.43
CA GLY B 16 -22.35 -2.08 22.83
C GLY B 16 -20.94 -2.00 22.31
N CYS B 17 -20.17 -3.04 22.56
CA CYS B 17 -18.76 -3.07 22.16
C CYS B 17 -18.53 -3.38 20.68
N CYS B 18 -17.32 -3.12 20.20
CA CYS B 18 -16.92 -3.56 18.87
C CYS B 18 -16.66 -5.06 18.90
N PRO B 19 -16.38 -5.65 17.73
CA PRO B 19 -16.15 -7.10 17.69
C PRO B 19 -14.96 -7.59 18.52
N ASP B 20 -13.99 -6.73 18.86
CA ASP B 20 -12.82 -7.19 19.58
C ASP B 20 -12.88 -7.07 21.11
N CYS B 21 -13.90 -6.38 21.62
CA CYS B 21 -13.99 -6.10 23.04
C CYS B 21 -15.11 -6.88 23.73
N ASP B 27 -12.88 -1.14 27.63
CA ASP B 27 -12.98 0.26 27.24
C ASP B 27 -13.06 0.38 25.71
N CYS B 28 -14.27 0.58 25.21
CA CYS B 28 -14.51 0.60 23.77
C CYS B 28 -15.32 1.83 23.43
N PRO B 29 -14.64 2.97 23.28
CA PRO B 29 -15.33 4.24 23.10
C PRO B 29 -15.86 4.44 21.70
N LEU B 30 -16.90 5.26 21.57
CA LEU B 30 -17.36 5.70 20.26
C LEU B 30 -16.54 6.92 19.81
N VAL B 31 -16.57 7.18 18.51
CA VAL B 31 -15.93 8.38 17.96
C VAL B 31 -16.86 8.98 16.89
N TRP B 32 -16.83 10.30 16.70
CA TRP B 32 -17.65 10.97 15.68
C TRP B 32 -16.75 11.67 14.69
N GLY B 33 -17.14 11.69 13.42
CA GLY B 33 -16.47 12.50 12.42
C GLY B 33 -17.09 13.87 12.32
N GLN B 34 -16.38 14.84 11.74
CA GLN B 34 -16.96 16.16 11.52
C GLN B 34 -18.11 16.09 10.51
N CYS B 35 -18.22 14.98 9.82
CA CYS B 35 -19.30 14.71 8.88
C CYS B 35 -20.52 14.17 9.64
N SER B 36 -20.37 13.99 10.95
CA SER B 36 -21.44 13.50 11.84
C SER B 36 -21.63 11.98 11.93
N HIS B 37 -20.87 11.21 11.14
CA HIS B 37 -20.96 9.76 11.21
C HIS B 37 -20.22 9.25 12.45
N CYS B 38 -20.80 8.24 13.08
CA CYS B 38 -20.30 7.70 14.35
C CYS B 38 -19.86 6.25 14.18
N PHE B 39 -18.76 5.87 14.83
CA PHE B 39 -18.22 4.51 14.77
C PHE B 39 -17.65 4.13 16.13
N HIS B 40 -17.42 2.84 16.37
CA HIS B 40 -16.54 2.52 17.49
C HIS B 40 -15.16 3.05 17.11
N MET B 41 -14.44 3.64 18.08
CA MET B 41 -13.07 4.06 17.82
C MET B 41 -12.22 2.91 17.27
N HIS B 42 -12.35 1.71 17.85
CA HIS B 42 -11.52 0.60 17.40
C HIS B 42 -11.78 0.28 15.95
N CYS B 43 -13.03 0.46 15.53
CA CYS B 43 -13.37 0.24 14.13
C CYS B 43 -12.78 1.30 13.21
N ILE B 44 -12.89 2.58 13.60
CA ILE B 44 -12.32 3.65 12.79
C ILE B 44 -10.79 3.47 12.67
N LEU B 45 -10.15 2.98 13.73
CA LEU B 45 -8.71 2.74 13.64
C LEU B 45 -8.37 1.65 12.60
N LYS B 46 -9.16 0.58 12.53
CA LYS B 46 -8.95 -0.43 11.50
C LYS B 46 -9.12 0.13 10.12
N TRP B 47 -10.19 0.91 9.94
CA TRP B 47 -10.48 1.52 8.65
C TRP B 47 -9.30 2.37 8.23
N LEU B 48 -8.91 3.31 9.09
CA LEU B 48 -7.81 4.19 8.72
C LEU B 48 -6.54 3.38 8.38
N HIS B 49 -6.18 2.41 9.21
CA HIS B 49 -5.02 1.58 8.94
C HIS B 49 -5.13 0.86 7.59
N ALA B 50 -6.32 0.36 7.27
CA ALA B 50 -6.48 -0.44 6.07
C ALA B 50 -6.31 0.37 4.78
N GLN B 51 -6.61 1.68 4.84
CA GLN B 51 -6.53 2.55 3.68
C GLN B 51 -5.19 3.28 3.55
N GLN B 52 -4.33 3.11 4.55
CA GLN B 52 -3.02 3.77 4.54
C GLN B 52 -2.15 3.20 3.42
N VAL B 53 -1.39 4.07 2.76
CA VAL B 53 -0.42 3.61 1.77
C VAL B 53 0.88 3.34 2.50
N GLN B 54 1.78 2.61 1.87
CA GLN B 54 3.06 2.31 2.48
C GLN B 54 3.95 3.55 2.47
N GLN B 55 4.48 3.90 3.64
CA GLN B 55 5.37 5.04 3.80
C GLN B 55 6.83 4.63 3.64
N HIS B 56 7.65 5.57 3.23
CA HIS B 56 9.06 5.29 2.94
C HIS B 56 9.98 6.32 3.53
N CYS B 57 11.20 5.89 3.86
CA CYS B 57 12.22 6.81 4.35
C CYS B 57 12.60 7.80 3.27
N PRO B 58 12.59 9.10 3.60
CA PRO B 58 12.94 10.15 2.64
C PRO B 58 14.37 10.01 2.14
N MET B 59 15.21 9.37 2.97
CA MET B 59 16.64 9.27 2.72
C MET B 59 17.02 8.05 1.89
N CYS B 60 16.56 6.87 2.32
CA CYS B 60 16.99 5.61 1.70
C CYS B 60 15.88 4.88 0.95
N ARG B 61 14.65 5.39 1.06
CA ARG B 61 13.50 4.87 0.32
C ARG B 61 13.03 3.48 0.79
N GLN B 62 13.67 2.94 1.83
CA GLN B 62 13.17 1.72 2.47
C GLN B 62 11.83 1.99 3.13
N GLU B 63 11.10 0.93 3.47
CA GLU B 63 9.84 1.10 4.21
C GLU B 63 10.11 1.91 5.47
N TRP B 64 9.24 2.87 5.77
CA TRP B 64 9.40 3.64 6.99
C TRP B 64 8.69 2.94 8.15
N LYS B 65 9.46 2.59 9.16
CA LYS B 65 8.89 2.06 10.40
C LYS B 65 9.65 2.67 11.57
N PHE B 66 8.90 3.16 12.56
CA PHE B 66 9.54 3.83 13.69
C PHE B 66 10.23 2.77 14.52
N LYS B 67 11.33 3.16 15.15
CA LYS B 67 12.04 2.25 16.05
C LYS B 67 11.85 2.69 17.49
N GLU B 68 11.59 1.72 18.36
CA GLU B 68 11.58 1.87 19.82
C GLU B 68 10.21 1.56 20.45
N ASP C 4 9.12 1.69 -35.72
CA ASP C 4 8.91 0.73 -34.62
C ASP C 4 8.05 -0.45 -35.07
N GLU C 5 8.64 -1.39 -35.79
CA GLU C 5 7.91 -2.58 -36.23
C GLU C 5 8.26 -3.79 -35.36
N ASN C 6 9.19 -3.60 -34.42
CA ASN C 6 9.69 -4.68 -33.59
C ASN C 6 9.54 -4.44 -32.09
N CYS C 7 9.19 -5.49 -31.36
CA CYS C 7 9.13 -5.45 -29.89
C CYS C 7 10.44 -4.93 -29.35
N GLY C 8 10.37 -3.98 -28.42
CA GLY C 8 11.57 -3.35 -27.91
C GLY C 8 12.42 -4.26 -27.03
N ILE C 9 11.81 -5.36 -26.57
CA ILE C 9 12.50 -6.29 -25.67
C ILE C 9 13.19 -7.39 -26.47
N CYS C 10 12.42 -8.14 -27.26
CA CYS C 10 12.96 -9.29 -27.97
C CYS C 10 13.43 -8.97 -29.40
N ARG C 11 13.04 -7.81 -29.90
CA ARG C 11 13.44 -7.32 -31.24
C ARG C 11 12.86 -8.12 -32.39
N MET C 12 11.85 -8.94 -32.11
CA MET C 12 11.13 -9.66 -33.15
C MET C 12 9.95 -8.81 -33.61
N ALA C 13 9.49 -9.06 -34.83
CA ALA C 13 8.34 -8.35 -35.38
C ALA C 13 7.10 -8.43 -34.49
N PHE C 14 6.44 -7.28 -34.31
CA PHE C 14 5.14 -7.24 -33.66
C PHE C 14 4.14 -8.13 -34.38
N ASN C 15 4.27 -8.28 -35.70
CA ASN C 15 3.29 -9.06 -36.44
C ASN C 15 3.44 -10.56 -36.22
N GLY C 16 4.53 -10.96 -35.58
CA GLY C 16 4.79 -12.37 -35.31
C GLY C 16 4.91 -12.68 -33.83
N CYS C 17 5.32 -13.94 -33.55
CA CYS C 17 5.61 -14.55 -32.25
C CYS C 17 6.82 -13.94 -31.52
N CYS C 18 6.78 -13.94 -30.19
CA CYS C 18 8.01 -13.77 -29.40
C CYS C 18 8.82 -15.06 -29.53
N PRO C 19 10.10 -15.05 -29.13
CA PRO C 19 10.93 -16.24 -29.35
C PRO C 19 10.37 -17.54 -28.73
N ASP C 20 9.62 -17.42 -27.65
CA ASP C 20 9.09 -18.59 -26.94
C ASP C 20 7.97 -19.30 -27.70
N CYS C 21 7.25 -18.56 -28.54
CA CYS C 21 5.99 -19.04 -29.07
C CYS C 21 6.06 -19.69 -30.44
N LYS C 22 7.15 -19.47 -31.14
CA LYS C 22 7.30 -19.93 -32.52
C LYS C 22 7.09 -21.45 -32.68
N VAL C 23 7.91 -22.23 -32.00
CA VAL C 23 7.85 -23.68 -32.11
C VAL C 23 6.57 -24.34 -31.56
N PRO C 24 6.07 -23.88 -30.39
CA PRO C 24 4.81 -24.46 -29.93
C PRO C 24 3.59 -23.92 -30.68
N GLY C 25 3.72 -22.74 -31.27
CA GLY C 25 2.61 -22.13 -31.99
C GLY C 25 1.58 -21.56 -31.06
N ASP C 26 2.04 -21.12 -29.89
CA ASP C 26 1.17 -20.48 -28.92
C ASP C 26 0.75 -19.08 -29.37
N ASP C 27 -0.44 -18.69 -28.94
CA ASP C 27 -0.92 -17.32 -29.08
C ASP C 27 0.06 -16.40 -28.39
N CYS C 28 0.35 -15.25 -28.99
CA CYS C 28 1.35 -14.34 -28.43
C CYS C 28 0.86 -12.92 -28.53
N PRO C 29 0.02 -12.49 -27.58
CA PRO C 29 -0.64 -11.20 -27.75
C PRO C 29 0.31 -10.02 -27.56
N LEU C 30 -0.08 -8.88 -28.10
CA LEU C 30 0.60 -7.62 -27.85
C LEU C 30 -0.08 -6.86 -26.73
N VAL C 31 0.68 -5.94 -26.13
N VAL C 31 0.69 -5.96 -26.10
CA VAL C 31 0.15 -5.01 -25.14
CA VAL C 31 0.15 -5.02 -25.13
C VAL C 31 0.82 -3.65 -25.32
C VAL C 31 0.78 -3.65 -25.37
N TRP C 32 0.12 -2.60 -24.91
CA TRP C 32 0.63 -1.24 -25.05
C TRP C 32 0.66 -0.56 -23.70
N GLY C 33 1.58 0.38 -23.56
CA GLY C 33 1.64 1.20 -22.37
C GLY C 33 1.13 2.60 -22.69
N GLN C 34 0.76 3.33 -21.64
CA GLN C 34 0.33 4.71 -21.78
C GLN C 34 1.42 5.54 -22.43
N CYS C 35 2.68 5.13 -22.23
CA CYS C 35 3.79 5.84 -22.84
C CYS C 35 3.87 5.63 -24.35
N SER C 36 2.97 4.78 -24.87
CA SER C 36 2.86 4.50 -26.31
C SER C 36 3.75 3.38 -26.83
N HIS C 37 4.49 2.72 -25.96
CA HIS C 37 5.26 1.58 -26.44
C HIS C 37 4.46 0.28 -26.41
N CYS C 38 4.79 -0.57 -27.35
CA CYS C 38 4.11 -1.83 -27.52
C CYS C 38 5.11 -2.94 -27.30
N PHE C 39 4.65 -4.04 -26.71
CA PHE C 39 5.48 -5.23 -26.50
C PHE C 39 4.64 -6.48 -26.69
N HIS C 40 5.29 -7.60 -27.01
CA HIS C 40 4.60 -8.87 -26.82
C HIS C 40 4.33 -8.95 -25.33
N MET C 41 3.15 -9.43 -24.97
CA MET C 41 2.77 -9.63 -23.58
CA MET C 41 2.79 -9.62 -23.57
C MET C 41 3.82 -10.50 -22.84
N HIS C 42 4.28 -11.55 -23.50
CA HIS C 42 5.25 -12.45 -22.88
C HIS C 42 6.54 -11.76 -22.51
N CYS C 43 6.94 -10.80 -23.34
CA CYS C 43 8.18 -10.08 -23.14
C CYS C 43 8.07 -9.13 -21.95
N ILE C 44 7.03 -8.31 -21.95
CA ILE C 44 6.88 -7.30 -20.90
C ILE C 44 6.64 -8.01 -19.57
N LEU C 45 6.00 -9.18 -19.62
CA LEU C 45 5.79 -9.98 -18.41
C LEU C 45 7.10 -10.48 -17.78
N LYS C 46 8.03 -10.98 -18.61
CA LYS C 46 9.37 -11.33 -18.11
C LYS C 46 10.03 -10.12 -17.48
N TRP C 47 9.89 -8.97 -18.15
CA TRP C 47 10.45 -7.72 -17.63
C TRP C 47 9.85 -7.39 -16.27
N LEU C 48 8.52 -7.32 -16.19
CA LEU C 48 7.85 -6.94 -14.96
C LEU C 48 8.10 -7.90 -13.83
N HIS C 49 8.16 -9.19 -14.15
CA HIS C 49 8.43 -10.17 -13.12
C HIS C 49 9.82 -9.98 -12.55
N ALA C 50 10.79 -9.77 -13.42
CA ALA C 50 12.15 -9.56 -12.96
C ALA C 50 12.30 -8.28 -12.13
N GLN C 51 11.63 -7.21 -12.51
CA GLN C 51 11.87 -5.91 -11.89
C GLN C 51 11.09 -5.75 -10.59
N GLN C 52 9.98 -6.47 -10.49
CA GLN C 52 9.13 -6.35 -9.31
C GLN C 52 9.75 -7.05 -8.13
N VAL C 53 9.47 -6.58 -6.93
CA VAL C 53 9.99 -7.25 -5.75
C VAL C 53 9.11 -8.47 -5.49
N GLN C 54 9.69 -9.53 -4.96
CA GLN C 54 8.91 -10.72 -4.63
C GLN C 54 8.38 -10.55 -3.22
N GLN C 55 7.10 -10.21 -3.08
CA GLN C 55 6.53 -9.90 -1.78
C GLN C 55 6.56 -11.09 -0.87
N HIS C 56 6.64 -10.80 0.43
CA HIS C 56 6.55 -11.81 1.45
C HIS C 56 5.13 -11.81 1.99
N CYS C 57 4.79 -12.86 2.71
CA CYS C 57 3.48 -12.96 3.34
C CYS C 57 3.33 -11.86 4.38
N PRO C 58 2.13 -11.27 4.49
CA PRO C 58 2.00 -10.25 5.54
C PRO C 58 2.23 -10.77 6.97
N MET C 59 2.19 -12.09 7.19
CA MET C 59 2.23 -12.64 8.55
CA MET C 59 2.22 -12.65 8.54
C MET C 59 3.45 -13.53 8.83
N CYS C 60 4.34 -13.68 7.86
CA CYS C 60 5.51 -14.51 8.05
C CYS C 60 6.58 -14.18 7.03
N ARG C 61 7.73 -14.84 7.12
CA ARG C 61 8.86 -14.49 6.24
C ARG C 61 8.87 -15.19 4.88
N GLN C 62 7.98 -16.15 4.68
CA GLN C 62 7.91 -16.88 3.41
C GLN C 62 7.50 -15.94 2.28
N GLU C 63 8.01 -16.17 1.08
CA GLU C 63 7.50 -15.47 -0.09
C GLU C 63 6.02 -15.80 -0.22
N TRP C 64 5.21 -14.79 -0.53
CA TRP C 64 3.78 -15.01 -0.70
C TRP C 64 3.53 -15.78 -1.98
N LYS C 65 2.85 -16.92 -1.84
CA LYS C 65 2.43 -17.74 -2.97
C LYS C 65 0.98 -18.15 -2.73
N PHE C 66 0.15 -18.03 -3.74
CA PHE C 66 -1.25 -18.39 -3.56
C PHE C 66 -1.38 -19.92 -3.43
N LYS C 67 -2.21 -20.39 -2.50
CA LYS C 67 -2.50 -21.81 -2.40
C LYS C 67 -3.36 -22.18 -3.58
N GLU C 68 -2.87 -23.17 -4.34
CA GLU C 68 -3.50 -23.77 -5.52
C GLU C 68 -2.58 -23.80 -6.74
N ASP D 4 -6.83 -17.12 15.52
CA ASP D 4 -7.40 -15.83 15.20
C ASP D 4 -8.48 -15.97 14.14
N GLU D 5 -9.63 -15.35 14.38
CA GLU D 5 -10.72 -15.38 13.39
C GLU D 5 -10.73 -14.08 12.61
N ASN D 6 -9.66 -13.30 12.72
CA ASN D 6 -9.52 -12.04 11.97
C ASN D 6 -8.41 -12.09 10.92
N CYS D 7 -8.70 -11.50 9.78
CA CYS D 7 -7.72 -11.27 8.74
C CYS D 7 -6.54 -10.47 9.32
N GLY D 8 -5.31 -10.93 9.10
CA GLY D 8 -4.15 -10.32 9.69
C GLY D 8 -3.78 -8.98 9.07
N ILE D 9 -4.33 -8.71 7.88
CA ILE D 9 -4.12 -7.43 7.23
C ILE D 9 -5.06 -6.35 7.79
N CYS D 10 -6.38 -6.60 7.76
CA CYS D 10 -7.37 -5.56 8.02
C CYS D 10 -7.92 -5.60 9.47
N ARG D 11 -7.69 -6.73 10.12
CA ARG D 11 -8.13 -7.00 11.49
C ARG D 11 -9.63 -7.23 11.63
N MET D 12 -10.31 -7.42 10.51
CA MET D 12 -11.75 -7.71 10.56
C MET D 12 -12.00 -9.20 10.44
N ALA D 13 -13.15 -9.65 10.95
CA ALA D 13 -13.49 -11.07 10.94
C ALA D 13 -13.36 -11.73 9.57
N PHE D 14 -12.79 -12.95 9.56
CA PHE D 14 -12.82 -13.83 8.40
C PHE D 14 -14.24 -14.11 7.93
N ASN D 15 -15.20 -14.20 8.85
CA ASN D 15 -16.58 -14.53 8.45
C ASN D 15 -17.37 -13.34 7.93
N GLY D 16 -16.70 -12.20 7.74
CA GLY D 16 -17.35 -11.02 7.19
C GLY D 16 -16.53 -10.32 6.13
N CYS D 17 -17.03 -9.18 5.65
CA CYS D 17 -16.39 -8.35 4.63
C CYS D 17 -15.07 -7.74 5.07
N CYS D 18 -14.21 -7.49 4.09
CA CYS D 18 -13.04 -6.64 4.25
C CYS D 18 -13.50 -5.19 4.40
N PRO D 19 -12.57 -4.26 4.66
CA PRO D 19 -12.98 -2.84 4.83
C PRO D 19 -13.67 -2.20 3.62
N ASP D 20 -13.38 -2.72 2.42
CA ASP D 20 -13.87 -2.08 1.20
C ASP D 20 -15.23 -2.59 0.73
N CYS D 21 -15.70 -3.67 1.36
CA CYS D 21 -16.94 -4.32 0.96
C CYS D 21 -18.08 -4.05 1.94
N LYS D 22 -19.22 -3.63 1.40
CA LYS D 22 -20.45 -3.51 2.18
C LYS D 22 -21.04 -4.89 2.49
N ASP D 26 -19.70 -7.04 -1.88
CA ASP D 26 -20.59 -8.01 -1.26
C ASP D 26 -20.05 -9.42 -1.44
N ASP D 27 -19.39 -9.69 -2.56
CA ASP D 27 -18.67 -10.94 -2.74
C ASP D 27 -17.21 -10.73 -2.30
N CYS D 28 -16.84 -11.28 -1.16
CA CYS D 28 -15.56 -10.98 -0.53
C CYS D 28 -14.90 -12.26 -0.01
N PRO D 29 -14.31 -13.04 -0.94
CA PRO D 29 -13.77 -14.35 -0.63
C PRO D 29 -12.48 -14.26 0.17
N LEU D 30 -12.17 -15.37 0.86
CA LEU D 30 -10.90 -15.52 1.53
C LEU D 30 -9.87 -16.17 0.60
N VAL D 31 -8.60 -16.08 1.00
CA VAL D 31 -7.51 -16.65 0.20
C VAL D 31 -6.47 -17.18 1.17
N TRP D 32 -5.79 -18.26 0.80
CA TRP D 32 -4.78 -18.88 1.63
C TRP D 32 -3.43 -18.84 0.90
N GLY D 33 -2.34 -18.65 1.64
CA GLY D 33 -1.02 -18.70 1.04
C GLY D 33 -0.53 -20.12 1.17
N GLN D 34 0.56 -20.46 0.49
CA GLN D 34 1.12 -21.79 0.62
C GLN D 34 1.73 -21.96 2.01
N CYS D 35 1.92 -20.84 2.70
CA CYS D 35 2.44 -20.85 4.07
C CYS D 35 1.31 -21.15 5.05
N SER D 36 0.07 -21.14 4.56
CA SER D 36 -1.11 -21.48 5.33
C SER D 36 -1.77 -20.31 6.03
N HIS D 37 -1.26 -19.09 5.82
CA HIS D 37 -1.98 -17.94 6.38
C HIS D 37 -3.12 -17.54 5.47
N CYS D 38 -4.18 -17.06 6.09
CA CYS D 38 -5.43 -16.74 5.42
C CYS D 38 -5.70 -15.24 5.51
N PHE D 39 -6.23 -14.67 4.43
CA PHE D 39 -6.63 -13.26 4.40
C PHE D 39 -7.89 -13.10 3.54
N HIS D 40 -8.56 -11.96 3.64
CA HIS D 40 -9.56 -11.63 2.65
C HIS D 40 -8.77 -11.50 1.35
N MET D 41 -9.27 -12.05 0.24
CA MET D 41 -8.61 -11.83 -1.06
C MET D 41 -8.31 -10.35 -1.33
N HIS D 42 -9.31 -9.51 -1.14
CA HIS D 42 -9.15 -8.10 -1.43
C HIS D 42 -8.03 -7.50 -0.62
N CYS D 43 -7.88 -7.94 0.62
CA CYS D 43 -6.83 -7.42 1.49
C CYS D 43 -5.46 -7.79 0.93
N ILE D 44 -5.31 -9.06 0.57
CA ILE D 44 -4.06 -9.52 -0.04
C ILE D 44 -3.75 -8.80 -1.36
N LEU D 45 -4.75 -8.60 -2.21
CA LEU D 45 -4.50 -7.94 -3.50
C LEU D 45 -4.08 -6.47 -3.29
N LYS D 46 -4.71 -5.82 -2.34
CA LYS D 46 -4.40 -4.44 -1.96
C LYS D 46 -2.99 -4.36 -1.36
N TRP D 47 -2.69 -5.27 -0.43
CA TRP D 47 -1.36 -5.34 0.19
C TRP D 47 -0.29 -5.51 -0.86
N LEU D 48 -0.47 -6.47 -1.75
CA LEU D 48 0.50 -6.70 -2.80
C LEU D 48 0.71 -5.43 -3.64
N HIS D 49 -0.37 -4.76 -4.01
CA HIS D 49 -0.27 -3.50 -4.74
C HIS D 49 0.48 -2.42 -3.95
N ALA D 50 0.16 -2.30 -2.67
CA ALA D 50 0.79 -1.28 -1.82
C ALA D 50 2.28 -1.52 -1.64
N GLN D 51 2.68 -2.78 -1.69
CA GLN D 51 4.07 -3.15 -1.42
C GLN D 51 4.97 -3.12 -2.66
N GLN D 52 4.37 -3.00 -3.84
CA GLN D 52 5.13 -3.12 -5.08
C GLN D 52 5.88 -1.81 -5.41
N VAL D 53 7.06 -1.94 -6.00
CA VAL D 53 7.83 -0.77 -6.42
C VAL D 53 7.39 -0.29 -7.81
N GLN D 54 7.51 1.00 -8.05
CA GLN D 54 7.12 1.61 -9.32
C GLN D 54 7.76 0.91 -10.51
N GLN D 55 6.95 0.54 -11.51
CA GLN D 55 7.48 -0.12 -12.71
C GLN D 55 7.70 0.84 -13.87
N HIS D 56 8.70 0.54 -14.70
CA HIS D 56 9.08 1.46 -15.77
C HIS D 56 9.11 0.81 -17.15
N CYS D 57 8.80 1.60 -18.18
CA CYS D 57 8.94 1.11 -19.53
C CYS D 57 10.42 0.82 -19.84
N PRO D 58 10.73 -0.36 -20.42
CA PRO D 58 12.14 -0.64 -20.70
C PRO D 58 12.71 0.22 -21.82
N MET D 59 11.83 0.84 -22.60
CA MET D 59 12.26 1.67 -23.73
C MET D 59 12.49 3.12 -23.34
N CYS D 60 11.50 3.74 -22.69
CA CYS D 60 11.53 5.18 -22.47
C CYS D 60 11.68 5.53 -21.01
N ARG D 61 11.56 4.53 -20.15
CA ARG D 61 11.79 4.69 -18.72
C ARG D 61 10.70 5.47 -17.99
N GLN D 62 9.63 5.85 -18.68
CA GLN D 62 8.50 6.46 -18.01
C GLN D 62 7.75 5.39 -17.24
N GLU D 63 6.98 5.80 -16.25
CA GLU D 63 6.10 4.90 -15.50
C GLU D 63 5.31 3.98 -16.44
N TRP D 64 5.44 2.68 -16.22
CA TRP D 64 4.69 1.71 -17.01
C TRP D 64 3.24 1.60 -16.52
N LYS D 65 2.32 1.76 -17.46
CA LYS D 65 0.90 1.52 -17.20
C LYS D 65 0.26 0.93 -18.45
N PHE D 66 -0.48 -0.17 -18.29
CA PHE D 66 -1.12 -0.78 -19.42
C PHE D 66 -2.23 0.13 -19.92
N LYS D 67 -2.41 0.15 -21.24
CA LYS D 67 -3.43 0.95 -21.90
C LYS D 67 -4.52 0.02 -22.46
N GLU D 68 -5.77 0.36 -22.18
CA GLU D 68 -6.94 -0.32 -22.76
C GLU D 68 -8.24 0.08 -22.06
ZN ZN E . 14.73 18.20 10.52
ZN ZN F . 16.27 5.37 5.86
ZN ZN G . 10.94 21.28 15.59
ZN ZN H . -17.82 -0.89 15.16
ZN ZN I . -19.15 10.47 7.10
ZN ZN J . -13.47 -2.24 21.02
ZN ZN K . 8.90 -9.35 -27.72
ZN ZN L . 5.08 -15.25 -27.01
ZN ZN M . 7.69 3.60 -23.11
ZN ZN N . -13.83 -7.26 0.17
ZN ZN O . -8.90 -8.45 5.58
ZN ZN P . 2.52 -16.63 5.84
#